data_6NEP
#
_entry.id   6NEP
#
_cell.length_a   67.371
_cell.length_b   67.371
_cell.length_c   159.716
_cell.angle_alpha   90.000
_cell.angle_beta   90.000
_cell.angle_gamma   90.000
#
_symmetry.space_group_name_H-M   'P 41 21 2'
#
loop_
_entity.id
_entity.type
_entity.pdbx_description
1 polymer 'Parkin coregulated gene protein'
2 polymer 'Meiosis expressed gene 1 protein homolog'
3 non-polymer 'CHLORIDE ION'
4 non-polymer 'PHOSPHATE ION'
5 water water
#
loop_
_entity_poly.entity_id
_entity_poly.type
_entity_poly.pdbx_seq_one_letter_code
_entity_poly.pdbx_strand_id
1 'polypeptide(L)'
;GPLGSTAFRKFYERGDFPIALEHDSKGNKIAWKVEIEKLDYHHYLPLFFDGLCEMTFPYEFFARQGIHDMLEHGGNKILP
VLPQLIIPIKNALNLRNRQVICVTLKVLQHLVVSAEMVGKALVP(PHI)YRQILPVLNIFKNMNVNSGDGIDYSQQKREN
IGDLIQETLEAFERYGGENAFINIKYVVPTYESCLLN
;
A
2 'polypeptide(L)'
;GPLGSMASSDVKPKSVSHAKKWSEEIENLYRFQQAGYRDETEYRQVKQVSMVDRWPETGYVKKLQRRDNTFYYYNKQREC
DDKEVHKVKIYAY
;
B
#
loop_
_chem_comp.id
_chem_comp.type
_chem_comp.name
_chem_comp.formula
CL non-polymer 'CHLORIDE ION' 'Cl -1'
PO4 non-polymer 'PHOSPHATE ION' 'O4 P -3'
#
# COMPACT_ATOMS: atom_id res chain seq x y z
N SER A 5 16.25 -8.20 -4.21
CA SER A 5 17.37 -7.86 -3.33
C SER A 5 18.47 -7.15 -4.09
N THR A 6 19.41 -7.89 -4.69
CA THR A 6 20.37 -7.21 -5.56
C THR A 6 19.66 -6.54 -6.73
N ALA A 7 18.67 -7.22 -7.33
CA ALA A 7 17.88 -6.60 -8.40
C ALA A 7 17.12 -5.37 -7.91
N PHE A 8 16.55 -5.43 -6.70
CA PHE A 8 15.86 -4.26 -6.19
C PHE A 8 16.85 -3.12 -5.90
N ARG A 9 18.07 -3.44 -5.45
CA ARG A 9 19.02 -2.38 -5.15
C ARG A 9 19.49 -1.65 -6.40
N LYS A 10 19.72 -2.39 -7.50
CA LYS A 10 20.02 -1.72 -8.76
C LYS A 10 18.86 -0.84 -9.19
N PHE A 11 17.64 -1.39 -9.11
CA PHE A 11 16.42 -0.66 -9.43
C PHE A 11 16.34 0.66 -8.66
N TYR A 12 16.63 0.60 -7.35
CA TYR A 12 16.50 1.75 -6.46
C TYR A 12 17.39 2.91 -6.91
N GLU A 13 18.59 2.62 -7.41
CA GLU A 13 19.54 3.66 -7.75
C GLU A 13 19.37 4.20 -9.16
N ARG A 14 18.47 3.62 -9.96
CA ARG A 14 18.27 4.04 -11.33
C ARG A 14 17.39 5.28 -11.39
N GLY A 15 17.59 6.08 -12.45
CA GLY A 15 16.65 7.16 -12.73
C GLY A 15 15.22 6.68 -12.88
N ASP A 16 15.03 5.49 -13.43
CA ASP A 16 13.64 5.09 -13.65
C ASP A 16 12.98 4.50 -12.40
N PHE A 17 13.66 4.48 -11.25
CA PHE A 17 12.97 4.23 -9.98
C PHE A 17 11.92 5.32 -9.80
N PRO A 18 10.64 4.96 -9.66
CA PRO A 18 9.56 5.95 -9.76
C PRO A 18 9.28 6.72 -8.47
N ILE A 19 10.06 6.50 -7.41
CA ILE A 19 9.86 7.20 -6.13
C ILE A 19 11.00 8.18 -5.94
N ALA A 20 10.67 9.38 -5.50
CA ALA A 20 11.68 10.39 -5.23
C ALA A 20 12.41 10.02 -3.95
N LEU A 21 13.74 10.01 -4.01
CA LEU A 21 14.56 9.61 -2.88
C LEU A 21 14.75 10.81 -1.96
N GLU A 22 13.65 11.20 -1.31
CA GLU A 22 13.67 12.30 -0.37
C GLU A 22 12.79 11.95 0.82
N HIS A 23 13.16 12.50 1.98
CA HIS A 23 12.39 12.44 3.20
C HIS A 23 11.85 13.82 3.54
N ASP A 24 10.53 13.92 3.68
CA ASP A 24 9.85 15.13 4.17
C ASP A 24 9.75 15.04 5.69
N SER A 25 10.10 16.13 6.39
CA SER A 25 10.14 16.05 7.85
C SER A 25 8.74 15.89 8.44
N LYS A 26 7.76 16.65 7.92
CA LYS A 26 6.36 16.37 8.20
C LYS A 26 6.01 14.99 7.64
N GLY A 27 6.12 13.96 8.47
CA GLY A 27 5.55 12.67 8.15
C GLY A 27 6.50 11.72 7.44
N ASN A 28 5.94 10.55 7.11
CA ASN A 28 6.66 9.42 6.52
C ASN A 28 6.09 9.02 5.16
N LYS A 29 5.42 9.92 4.45
CA LYS A 29 4.91 9.54 3.14
C LYS A 29 6.05 9.46 2.14
N ILE A 30 5.82 8.73 1.06
CA ILE A 30 6.75 8.68 -0.06
C ILE A 30 6.16 9.51 -1.18
N ALA A 31 7.04 10.19 -1.91
CA ALA A 31 6.67 11.07 -3.00
C ALA A 31 7.00 10.40 -4.32
N TRP A 32 6.01 10.30 -5.20
CA TRP A 32 6.17 9.63 -6.48
C TRP A 32 6.63 10.63 -7.54
N LYS A 33 7.78 10.34 -8.18
CA LYS A 33 8.18 11.14 -9.35
C LYS A 33 7.21 10.95 -10.50
N VAL A 34 6.70 9.74 -10.66
CA VAL A 34 5.84 9.39 -11.79
C VAL A 34 4.51 8.96 -11.21
N GLU A 35 3.42 9.29 -11.89
CA GLU A 35 2.10 8.92 -11.39
C GLU A 35 1.90 7.41 -11.47
N ILE A 36 1.49 6.81 -10.34
CA ILE A 36 1.28 5.36 -10.27
C ILE A 36 0.42 4.86 -11.42
N GLU A 37 -0.63 5.60 -11.78
CA GLU A 37 -1.56 5.09 -12.77
C GLU A 37 -0.96 5.09 -14.17
N LYS A 38 0.19 5.71 -14.37
CA LYS A 38 0.85 5.68 -15.67
C LYS A 38 1.99 4.67 -15.71
N LEU A 39 2.27 3.97 -14.63
CA LEU A 39 3.29 2.94 -14.65
C LEU A 39 2.74 1.66 -15.27
N ASP A 40 3.52 1.03 -16.14
CA ASP A 40 3.17 -0.31 -16.60
C ASP A 40 3.49 -1.28 -15.48
N TYR A 41 2.45 -1.87 -14.88
CA TYR A 41 2.68 -2.73 -13.72
C TYR A 41 3.44 -3.99 -14.11
N HIS A 42 3.37 -4.40 -15.38
CA HIS A 42 4.11 -5.57 -15.82
C HIS A 42 5.61 -5.41 -15.57
N HIS A 43 6.10 -4.17 -15.65
CA HIS A 43 7.49 -3.87 -15.39
C HIS A 43 7.75 -3.54 -13.93
N TYR A 44 6.89 -2.72 -13.33
CA TYR A 44 7.25 -2.09 -12.05
C TYR A 44 6.82 -2.95 -10.85
N LEU A 45 5.66 -3.57 -10.92
CA LEU A 45 5.20 -4.30 -9.73
C LEU A 45 6.10 -5.49 -9.41
N PRO A 46 6.54 -6.33 -10.36
CA PRO A 46 7.48 -7.40 -9.98
C PRO A 46 8.78 -6.90 -9.38
N LEU A 47 9.31 -5.77 -9.87
CA LEU A 47 10.53 -5.20 -9.28
C LEU A 47 10.33 -4.83 -7.82
N PHE A 48 9.22 -4.18 -7.49
CA PHE A 48 8.96 -3.88 -6.09
C PHE A 48 8.80 -5.16 -5.27
N PHE A 49 8.13 -6.18 -5.83
CA PHE A 49 8.02 -7.44 -5.11
C PHE A 49 9.38 -8.12 -4.95
N ASP A 50 10.31 -7.88 -5.87
CA ASP A 50 11.68 -8.31 -5.64
C ASP A 50 12.25 -7.80 -4.34
N GLY A 51 11.74 -6.70 -3.81
CA GLY A 51 12.29 -6.17 -2.59
C GLY A 51 11.66 -6.68 -1.31
N LEU A 52 10.76 -7.67 -1.39
CA LEU A 52 10.28 -8.30 -0.17
C LEU A 52 11.43 -8.83 0.66
N CYS A 53 12.46 -9.37 0.02
CA CYS A 53 13.63 -9.90 0.72
C CYS A 53 14.38 -8.83 1.50
N GLU A 54 14.18 -7.56 1.17
CA GLU A 54 15.08 -6.53 1.65
C GLU A 54 14.82 -6.24 3.12
N MET A 55 15.88 -6.17 3.89
CA MET A 55 15.78 -5.84 5.30
C MET A 55 16.66 -4.66 5.64
N THR A 56 17.38 -4.11 4.67
CA THR A 56 18.37 -3.08 4.95
C THR A 56 17.81 -1.69 4.67
N PHE A 57 17.94 -0.82 5.65
CA PHE A 57 17.57 0.57 5.50
C PHE A 57 18.53 1.26 4.53
N PRO A 58 18.03 2.06 3.59
CA PRO A 58 16.65 2.50 3.39
C PRO A 58 15.88 1.70 2.34
N TYR A 59 16.52 0.72 1.71
CA TYR A 59 15.85 -0.04 0.65
C TYR A 59 14.51 -0.57 1.12
N GLU A 60 14.47 -1.16 2.31
CA GLU A 60 13.28 -1.87 2.74
C GLU A 60 12.14 -0.91 2.99
N PHE A 61 12.44 0.28 3.51
CA PHE A 61 11.41 1.31 3.63
C PHE A 61 10.74 1.60 2.28
N PHE A 62 11.55 1.80 1.22
CA PHE A 62 10.97 2.15 -0.07
C PHE A 62 10.33 0.94 -0.75
N ALA A 63 10.91 -0.27 -0.59
CA ALA A 63 10.25 -1.46 -1.13
C ALA A 63 8.85 -1.61 -0.54
N ARG A 64 8.75 -1.53 0.78
CA ARG A 64 7.47 -1.72 1.45
C ARG A 64 6.48 -0.61 1.11
N GLN A 65 6.90 0.66 1.22
CA GLN A 65 6.01 1.76 0.89
C GLN A 65 5.62 1.71 -0.58
N GLY A 66 6.56 1.36 -1.46
CA GLY A 66 6.22 1.24 -2.87
C GLY A 66 5.17 0.18 -3.13
N ILE A 67 5.36 -1.02 -2.57
CA ILE A 67 4.38 -2.09 -2.76
C ILE A 67 3.00 -1.65 -2.29
N HIS A 68 2.94 -1.04 -1.10
CA HIS A 68 1.65 -0.69 -0.53
C HIS A 68 0.88 0.27 -1.44
N ASP A 69 1.52 1.39 -1.84
CA ASP A 69 0.87 2.36 -2.72
C ASP A 69 0.48 1.75 -4.07
N MET A 70 1.32 0.87 -4.62
CA MET A 70 0.97 0.29 -5.91
C MET A 70 -0.19 -0.68 -5.78
N LEU A 71 -0.29 -1.40 -4.67
CA LEU A 71 -1.45 -2.25 -4.45
C LEU A 71 -2.69 -1.42 -4.15
N GLU A 72 -2.54 -0.38 -3.33
CA GLU A 72 -3.68 0.45 -2.98
C GLU A 72 -4.29 1.13 -4.21
N HIS A 73 -3.44 1.57 -5.15
CA HIS A 73 -3.93 2.35 -6.27
C HIS A 73 -3.84 1.61 -7.60
N GLY A 74 -3.46 0.33 -7.58
CA GLY A 74 -3.36 -0.43 -8.82
C GLY A 74 -4.68 -0.61 -9.55
N GLY A 75 -5.77 -0.83 -8.83
CA GLY A 75 -7.02 -1.10 -9.51
C GLY A 75 -6.90 -2.31 -10.42
N ASN A 76 -7.38 -2.18 -11.67
CA ASN A 76 -7.38 -3.31 -12.61
C ASN A 76 -6.03 -3.59 -13.24
N LYS A 77 -4.95 -2.97 -12.77
CA LYS A 77 -3.62 -3.27 -13.29
C LYS A 77 -2.95 -4.43 -12.55
N ILE A 78 -3.48 -4.84 -11.41
CA ILE A 78 -2.80 -5.81 -10.55
C ILE A 78 -3.01 -7.24 -11.05
N LEU A 79 -4.27 -7.69 -11.15
CA LEU A 79 -4.55 -9.04 -11.63
C LEU A 79 -3.75 -9.45 -12.86
N PRO A 80 -3.70 -8.67 -13.95
CA PRO A 80 -2.92 -9.14 -15.11
C PRO A 80 -1.46 -9.43 -14.81
N VAL A 81 -0.92 -8.91 -13.71
CA VAL A 81 0.48 -9.10 -13.36
C VAL A 81 0.68 -10.20 -12.32
N LEU A 82 -0.40 -10.70 -11.71
CA LEU A 82 -0.28 -11.77 -10.73
C LEU A 82 0.71 -12.87 -11.11
N PRO A 83 0.71 -13.43 -12.34
CA PRO A 83 1.64 -14.55 -12.60
C PRO A 83 3.10 -14.22 -12.36
N GLN A 84 3.50 -12.95 -12.54
CA GLN A 84 4.89 -12.53 -12.39
C GLN A 84 5.28 -12.28 -10.94
N LEU A 85 4.32 -12.31 -10.01
CA LEU A 85 4.60 -12.10 -8.60
C LEU A 85 4.85 -13.40 -7.84
N ILE A 86 4.44 -14.55 -8.39
CA ILE A 86 4.52 -15.80 -7.65
C ILE A 86 5.96 -16.11 -7.27
N ILE A 87 6.86 -16.08 -8.24
CA ILE A 87 8.27 -16.38 -7.96
C ILE A 87 8.89 -15.43 -6.96
N PRO A 88 8.69 -14.09 -7.04
CA PRO A 88 9.18 -13.24 -5.94
C PRO A 88 8.59 -13.57 -4.57
N ILE A 89 7.28 -13.79 -4.49
CA ILE A 89 6.66 -14.14 -3.21
C ILE A 89 7.28 -15.41 -2.66
N LYS A 90 7.45 -16.41 -3.53
CA LYS A 90 7.96 -17.71 -3.12
C LYS A 90 9.40 -17.60 -2.64
N ASN A 91 10.24 -16.86 -3.39
CA ASN A 91 11.64 -16.66 -3.01
C ASN A 91 11.76 -15.98 -1.64
N ALA A 92 10.90 -15.01 -1.37
CA ALA A 92 10.96 -14.31 -0.09
C ALA A 92 10.56 -15.24 1.07
N LEU A 93 9.40 -15.89 0.95
CA LEU A 93 8.94 -16.77 2.01
C LEU A 93 9.96 -17.87 2.27
N ASN A 94 10.58 -18.39 1.21
CA ASN A 94 11.47 -19.54 1.32
C ASN A 94 12.84 -19.19 1.89
N LEU A 95 13.14 -17.91 2.13
CA LEU A 95 14.31 -17.59 2.92
C LEU A 95 14.20 -18.12 4.34
N ARG A 96 12.99 -18.37 4.82
CA ARG A 96 12.74 -18.85 6.18
C ARG A 96 13.13 -17.81 7.23
N ASN A 97 13.06 -16.55 6.84
CA ASN A 97 13.29 -15.42 7.75
C ASN A 97 11.96 -14.91 8.29
N ARG A 98 11.86 -14.84 9.62
CA ARG A 98 10.61 -14.48 10.27
C ARG A 98 10.17 -13.07 9.91
N GLN A 99 11.11 -12.13 9.86
CA GLN A 99 10.75 -10.74 9.56
C GLN A 99 10.26 -10.61 8.13
N VAL A 100 10.93 -11.26 7.19
CA VAL A 100 10.48 -11.25 5.80
C VAL A 100 9.12 -11.92 5.68
N ILE A 101 8.91 -13.03 6.38
CA ILE A 101 7.61 -13.69 6.32
C ILE A 101 6.52 -12.77 6.87
N CYS A 102 6.79 -12.10 7.97
CA CYS A 102 5.80 -11.22 8.52
C CYS A 102 5.41 -10.12 7.58
N VAL A 103 6.36 -9.48 6.96
CA VAL A 103 5.99 -8.43 6.01
C VAL A 103 5.32 -9.02 4.77
N THR A 104 5.78 -10.20 4.32
CA THR A 104 5.21 -10.78 3.10
C THR A 104 3.76 -11.19 3.31
N LEU A 105 3.44 -11.75 4.49
CA LEU A 105 2.06 -12.15 4.76
C LEU A 105 1.15 -10.93 4.79
N LYS A 106 1.59 -9.84 5.43
CA LYS A 106 0.80 -8.61 5.37
C LYS A 106 0.63 -8.12 3.95
N VAL A 107 1.66 -8.26 3.12
CA VAL A 107 1.54 -7.85 1.72
C VAL A 107 0.53 -8.74 1.00
N LEU A 108 0.61 -10.05 1.21
CA LEU A 108 -0.33 -10.97 0.57
C LEU A 108 -1.76 -10.68 1.00
N GLN A 109 -1.99 -10.41 2.28
CA GLN A 109 -3.32 -9.98 2.72
C GLN A 109 -3.79 -8.76 1.92
N HIS A 110 -2.91 -7.77 1.74
CA HIS A 110 -3.29 -6.61 0.96
C HIS A 110 -3.56 -7.00 -0.49
N LEU A 111 -2.75 -7.90 -1.05
CA LEU A 111 -2.91 -8.30 -2.44
C LEU A 111 -4.30 -8.89 -2.72
N VAL A 112 -4.82 -9.74 -1.82
CA VAL A 112 -6.04 -10.46 -2.14
C VAL A 112 -7.27 -9.57 -2.02
N VAL A 113 -7.19 -8.43 -1.33
CA VAL A 113 -8.26 -7.44 -1.35
C VAL A 113 -7.96 -6.27 -2.27
N SER A 114 -6.83 -6.28 -2.94
CA SER A 114 -6.41 -5.18 -3.80
C SER A 114 -7.34 -4.94 -4.95
N ALA A 115 -7.84 -6.00 -5.52
CA ALA A 115 -8.76 -5.92 -6.61
C ALA A 115 -9.58 -7.16 -6.67
N GLU A 116 -10.67 -7.09 -7.40
CA GLU A 116 -11.54 -8.21 -7.55
C GLU A 116 -10.85 -9.28 -8.38
N MET A 117 -11.07 -10.51 -7.95
CA MET A 117 -10.62 -11.78 -8.51
C MET A 117 -9.19 -12.15 -8.22
N VAL A 118 -8.46 -11.30 -7.54
CA VAL A 118 -7.09 -11.62 -7.25
C VAL A 118 -6.98 -12.79 -6.29
N GLY A 119 -7.83 -12.81 -5.28
CA GLY A 119 -7.82 -13.92 -4.35
C GLY A 119 -8.08 -15.26 -5.02
N LYS A 120 -9.03 -15.31 -5.96
CA LYS A 120 -9.34 -16.57 -6.64
C LYS A 120 -8.20 -16.97 -7.56
N ALA A 121 -7.59 -15.99 -8.24
CA ALA A 121 -6.50 -16.31 -9.14
C ALA A 121 -5.28 -16.79 -8.37
N LEU A 122 -5.21 -16.51 -7.07
CA LEU A 122 -4.10 -16.99 -6.25
C LEU A 122 -4.20 -18.49 -5.95
N VAL A 123 -5.41 -19.05 -5.94
CA VAL A 123 -5.60 -20.43 -5.49
C VAL A 123 -4.67 -21.42 -6.19
N PRO A 124 -4.51 -21.43 -7.53
CA PRO A 124 -3.62 -22.42 -8.13
C PRO A 124 -2.13 -22.30 -7.79
N PHI A 125 -1.72 -21.26 -7.09
CA PHI A 125 -0.34 -21.09 -6.71
CB PHI A 125 0.22 -19.67 -6.99
CG PHI A 125 0.03 -19.32 -8.42
CD1 PHI A 125 -0.96 -18.42 -8.81
CD2 PHI A 125 0.85 -19.91 -9.39
CE1 PHI A 125 -1.11 -18.07 -10.15
CE2 PHI A 125 0.68 -19.56 -10.73
CZ PHI A 125 -0.30 -18.65 -11.12
I PHI A 125 -0.53 -18.18 -13.07
C PHI A 125 -0.09 -21.36 -5.23
O PHI A 125 1.02 -21.24 -4.75
N TYR A 126 -1.15 -21.69 -4.50
CA TYR A 126 -1.01 -22.05 -3.08
C TYR A 126 0.12 -23.03 -2.83
N ARG A 127 0.21 -24.05 -3.68
CA ARG A 127 1.20 -25.10 -3.42
C ARG A 127 2.61 -24.59 -3.63
N GLN A 128 2.75 -23.44 -4.31
CA GLN A 128 4.08 -22.88 -4.49
C GLN A 128 4.44 -21.99 -3.31
N ILE A 129 3.45 -21.34 -2.68
CA ILE A 129 3.77 -20.27 -1.74
C ILE A 129 3.47 -20.65 -0.30
N LEU A 130 2.48 -21.51 -0.08
CA LEU A 130 2.15 -21.82 1.32
C LEU A 130 3.06 -22.83 2.04
N PRO A 131 3.90 -23.65 1.40
CA PRO A 131 4.52 -24.75 2.18
C PRO A 131 5.34 -24.29 3.39
N VAL A 132 6.17 -23.24 3.26
CA VAL A 132 7.04 -22.83 4.36
C VAL A 132 6.24 -22.41 5.58
N LEU A 133 4.99 -22.07 5.44
CA LEU A 133 4.24 -21.69 6.60
C LEU A 133 4.09 -22.84 7.58
N ASN A 134 4.16 -24.06 7.11
CA ASN A 134 4.03 -25.20 8.03
C ASN A 134 5.16 -25.24 9.06
N ILE A 135 6.32 -24.70 8.68
CA ILE A 135 7.42 -24.57 9.63
C ILE A 135 7.05 -23.58 10.73
N PHE A 136 6.28 -22.55 10.39
CA PHE A 136 6.05 -21.43 11.29
C PHE A 136 4.62 -21.39 11.85
N LYS A 137 3.79 -22.37 11.53
CA LYS A 137 2.42 -22.32 11.98
C LYS A 137 2.33 -22.44 13.51
N ASN A 138 1.23 -21.98 14.06
CA ASN A 138 0.85 -22.35 15.42
C ASN A 138 0.79 -23.87 15.52
N ASN A 156 2.52 -11.95 16.66
CA ASN A 156 3.34 -13.14 16.46
C ASN A 156 2.99 -13.85 15.15
N ILE A 157 3.97 -14.62 14.65
CA ILE A 157 3.87 -15.14 13.29
C ILE A 157 2.78 -16.20 13.19
N GLY A 158 2.60 -17.01 14.24
CA GLY A 158 1.59 -18.06 14.20
C GLY A 158 0.19 -17.52 14.00
N ASP A 159 -0.14 -16.43 14.72
CA ASP A 159 -1.42 -15.76 14.53
C ASP A 159 -1.51 -15.07 13.17
N LEU A 160 -0.39 -14.55 12.67
CA LEU A 160 -0.43 -13.88 11.38
C LEU A 160 -0.71 -14.86 10.25
N ILE A 161 -0.09 -16.05 10.33
CA ILE A 161 -0.33 -17.12 9.36
C ILE A 161 -1.80 -17.48 9.31
N GLN A 162 -2.40 -17.71 10.48
CA GLN A 162 -3.83 -18.01 10.52
C GLN A 162 -4.64 -16.89 9.90
N GLU A 163 -4.43 -15.65 10.36
CA GLU A 163 -5.17 -14.53 9.80
C GLU A 163 -4.99 -14.43 8.30
N THR A 164 -3.77 -14.67 7.80
CA THR A 164 -3.53 -14.60 6.36
C THR A 164 -4.25 -15.71 5.61
N LEU A 165 -4.16 -16.94 6.10
CA LEU A 165 -4.87 -18.03 5.43
C LEU A 165 -6.37 -17.78 5.41
N GLU A 166 -6.92 -17.18 6.47
CA GLU A 166 -8.35 -16.88 6.47
C GLU A 166 -8.68 -15.81 5.45
N ALA A 167 -7.78 -14.84 5.26
CA ALA A 167 -8.00 -13.85 4.21
C ALA A 167 -8.03 -14.53 2.84
N PHE A 168 -7.02 -15.38 2.56
CA PHE A 168 -7.00 -16.16 1.32
C PHE A 168 -8.30 -16.91 1.11
N GLU A 169 -8.75 -17.66 2.12
CA GLU A 169 -9.99 -18.40 1.97
C GLU A 169 -11.16 -17.45 1.70
N ARG A 170 -11.19 -16.32 2.42
CA ARG A 170 -12.35 -15.44 2.32
C ARG A 170 -12.52 -14.90 0.91
N TYR A 171 -11.43 -14.48 0.28
CA TYR A 171 -11.50 -13.92 -1.07
C TYR A 171 -11.10 -14.92 -2.16
N GLY A 172 -10.92 -16.20 -1.81
CA GLY A 172 -10.47 -17.17 -2.79
C GLY A 172 -11.55 -17.99 -3.48
N GLY A 173 -12.82 -17.76 -3.15
CA GLY A 173 -13.88 -18.50 -3.77
C GLY A 173 -14.01 -19.91 -3.25
N GLU A 174 -14.82 -20.69 -3.97
CA GLU A 174 -15.29 -21.97 -3.45
C GLU A 174 -14.15 -22.98 -3.31
N ASN A 175 -13.13 -22.88 -4.17
CA ASN A 175 -12.08 -23.87 -4.18
C ASN A 175 -10.93 -23.53 -3.25
N ALA A 176 -11.07 -22.49 -2.41
CA ALA A 176 -9.94 -22.02 -1.61
C ALA A 176 -9.64 -22.96 -0.45
N PHE A 177 -10.66 -23.29 0.35
CA PHE A 177 -10.41 -24.02 1.60
C PHE A 177 -9.65 -25.33 1.34
N ILE A 178 -10.17 -26.16 0.44
CA ILE A 178 -9.56 -27.46 0.25
C ILE A 178 -8.12 -27.31 -0.24
N ASN A 179 -7.86 -26.28 -1.05
CA ASN A 179 -6.51 -26.13 -1.58
C ASN A 179 -5.55 -25.63 -0.50
N ILE A 180 -6.04 -24.79 0.41
CA ILE A 180 -5.24 -24.42 1.57
C ILE A 180 -4.97 -25.65 2.44
N LYS A 181 -6.00 -26.45 2.67
CA LYS A 181 -5.88 -27.59 3.56
C LYS A 181 -4.92 -28.63 3.00
N TYR A 182 -4.85 -28.77 1.67
CA TYR A 182 -3.93 -29.73 1.07
C TYR A 182 -2.48 -29.39 1.40
N VAL A 183 -2.15 -28.10 1.34
CA VAL A 183 -0.78 -27.66 1.58
C VAL A 183 -0.53 -27.45 3.08
N VAL A 184 -1.56 -27.05 3.81
CA VAL A 184 -1.45 -26.79 5.24
C VAL A 184 -2.42 -27.72 5.94
N PRO A 185 -1.99 -28.95 6.26
CA PRO A 185 -2.95 -29.99 6.66
C PRO A 185 -3.62 -29.69 7.98
N THR A 186 -3.00 -28.86 8.83
CA THR A 186 -3.58 -28.58 10.13
C THR A 186 -4.58 -27.44 10.07
N TYR A 187 -4.77 -26.86 8.89
CA TYR A 187 -5.63 -25.69 8.75
C TYR A 187 -7.07 -26.01 9.12
N GLU A 188 -7.59 -25.29 10.11
CA GLU A 188 -9.01 -25.29 10.41
C GLU A 188 -9.46 -23.84 10.35
N SER A 189 -10.71 -23.62 9.99
CA SER A 189 -11.21 -22.25 9.99
C SER A 189 -12.72 -22.25 10.12
N CYS A 190 -13.25 -21.15 10.66
CA CYS A 190 -14.68 -20.90 10.68
C CYS A 190 -14.87 -19.43 10.33
N LEU A 191 -15.35 -19.17 9.13
CA LEU A 191 -15.53 -17.82 8.68
C LEU A 191 -16.99 -17.55 8.34
N ASP B 10 -7.28 39.09 -2.70
CA ASP B 10 -6.98 37.69 -2.93
C ASP B 10 -7.80 36.83 -1.96
N VAL B 11 -8.06 35.58 -2.38
CA VAL B 11 -8.89 34.68 -1.60
C VAL B 11 -7.97 33.81 -0.77
N LYS B 12 -7.78 34.17 0.49
CA LYS B 12 -6.96 33.49 1.47
C LYS B 12 -7.72 33.50 2.80
N PRO B 13 -7.45 32.56 3.70
CA PRO B 13 -8.30 32.43 4.91
C PRO B 13 -8.04 33.56 5.91
N LYS B 14 -9.04 33.80 6.76
CA LYS B 14 -8.92 34.94 7.67
C LYS B 14 -8.26 34.55 8.98
N SER B 15 -8.39 33.29 9.41
CA SER B 15 -7.96 32.91 10.75
C SER B 15 -7.77 31.40 10.83
N VAL B 16 -7.02 30.97 11.85
CA VAL B 16 -6.63 29.55 11.95
C VAL B 16 -6.77 29.06 13.39
N SER B 17 -7.31 27.86 13.56
CA SER B 17 -7.40 27.18 14.84
C SER B 17 -6.99 25.73 14.65
N HIS B 18 -6.75 25.05 15.77
CA HIS B 18 -6.42 23.63 15.75
C HIS B 18 -7.68 22.81 16.02
N ALA B 19 -7.65 21.56 15.57
CA ALA B 19 -8.78 20.66 15.69
C ALA B 19 -8.50 19.66 16.79
N LYS B 20 -9.58 19.16 17.43
CA LYS B 20 -9.42 18.18 18.50
C LYS B 20 -10.35 16.98 18.40
N LYS B 21 -11.16 16.85 17.36
CA LYS B 21 -11.99 15.66 17.17
C LYS B 21 -11.97 15.27 15.71
N TRP B 22 -11.54 14.05 15.42
CA TRP B 22 -11.49 13.57 14.04
C TRP B 22 -12.87 13.66 13.41
N SER B 23 -12.88 13.87 12.09
CA SER B 23 -14.11 13.91 11.31
C SER B 23 -13.73 13.76 9.84
N GLU B 24 -14.77 13.59 9.01
CA GLU B 24 -14.55 13.55 7.57
C GLU B 24 -13.86 14.82 7.09
N GLU B 25 -14.30 15.97 7.60
CA GLU B 25 -13.65 17.23 7.29
C GLU B 25 -12.18 17.23 7.68
N ILE B 26 -11.86 16.69 8.87
CA ILE B 26 -10.49 16.70 9.36
C ILE B 26 -9.60 15.80 8.51
N GLU B 27 -10.10 14.62 8.15
CA GLU B 27 -9.35 13.69 7.31
C GLU B 27 -8.90 14.36 6.02
N ASN B 28 -9.81 15.08 5.36
CA ASN B 28 -9.45 15.67 4.09
C ASN B 28 -8.52 16.86 4.28
N LEU B 29 -8.70 17.64 5.36
CA LEU B 29 -7.75 18.69 5.68
C LEU B 29 -6.38 18.10 5.98
N TYR B 30 -6.32 16.98 6.70
CA TYR B 30 -5.04 16.33 6.97
C TYR B 30 -4.34 15.95 5.67
N ARG B 31 -5.08 15.45 4.68
CA ARG B 31 -4.45 15.03 3.44
C ARG B 31 -3.89 16.21 2.65
N PHE B 32 -4.66 17.30 2.53
CA PHE B 32 -4.11 18.49 1.89
C PHE B 32 -2.85 18.98 2.61
N GLN B 33 -2.88 19.02 3.94
CA GLN B 33 -1.78 19.63 4.67
C GLN B 33 -0.54 18.74 4.62
N GLN B 34 -0.71 17.41 4.66
CA GLN B 34 0.42 16.52 4.41
C GLN B 34 1.13 16.86 3.11
N ALA B 35 0.38 17.26 2.10
CA ALA B 35 0.98 17.54 0.79
C ALA B 35 1.47 18.98 0.68
N GLY B 36 1.30 19.80 1.71
CA GLY B 36 1.80 21.16 1.71
C GLY B 36 0.79 22.23 1.36
N TYR B 37 -0.51 21.97 1.52
CA TYR B 37 -1.55 22.92 1.18
C TYR B 37 -2.47 23.10 2.38
N ARG B 38 -2.93 24.34 2.60
CA ARG B 38 -3.84 24.58 3.71
C ARG B 38 -5.12 23.78 3.54
N ASP B 39 -5.64 23.74 2.32
CA ASP B 39 -6.95 23.18 2.01
C ASP B 39 -7.08 23.13 0.49
N GLU B 40 -8.26 22.75 0.00
CA GLU B 40 -8.48 22.66 -1.43
C GLU B 40 -8.37 24.03 -2.11
N THR B 41 -8.76 25.09 -1.40
CA THR B 41 -8.70 26.42 -2.00
C THR B 41 -7.27 26.77 -2.38
N GLU B 42 -6.32 26.48 -1.49
CA GLU B 42 -4.93 26.83 -1.79
C GLU B 42 -4.35 25.89 -2.82
N TYR B 43 -4.72 24.60 -2.75
CA TYR B 43 -4.32 23.66 -3.78
C TYR B 43 -4.73 24.13 -5.17
N ARG B 44 -5.98 24.59 -5.32
CA ARG B 44 -6.46 25.05 -6.62
C ARG B 44 -5.85 26.37 -7.02
N GLN B 45 -5.30 27.13 -6.06
CA GLN B 45 -4.61 28.37 -6.41
C GLN B 45 -3.22 28.07 -6.92
N VAL B 46 -2.55 27.07 -6.34
CA VAL B 46 -1.14 26.82 -6.66
C VAL B 46 -1.00 26.01 -7.93
N LYS B 47 -1.88 25.03 -8.14
CA LYS B 47 -1.87 24.17 -9.31
C LYS B 47 -3.12 24.42 -10.14
N GLN B 48 -3.09 23.98 -11.38
CA GLN B 48 -4.23 24.12 -12.28
C GLN B 48 -5.00 22.81 -12.18
N VAL B 49 -6.23 22.86 -11.73
CA VAL B 49 -6.96 21.65 -11.37
C VAL B 49 -8.30 21.69 -12.05
N SER B 50 -8.65 20.57 -12.70
CA SER B 50 -10.03 20.33 -13.10
C SER B 50 -10.81 19.80 -11.91
N MET B 51 -10.49 18.59 -11.45
CA MET B 51 -11.12 18.02 -10.28
C MET B 51 -10.07 17.31 -9.43
N VAL B 52 -10.23 17.37 -8.13
CA VAL B 52 -9.36 16.65 -7.22
C VAL B 52 -9.74 15.17 -7.25
N ASP B 53 -8.75 14.30 -7.39
CA ASP B 53 -9.01 12.87 -7.35
C ASP B 53 -9.42 12.43 -5.95
N ARG B 54 -10.59 11.79 -5.86
CA ARG B 54 -11.16 11.35 -4.60
C ARG B 54 -11.57 9.89 -4.70
N TRP B 55 -11.56 9.22 -3.57
CA TRP B 55 -12.08 7.86 -3.51
C TRP B 55 -13.60 7.89 -3.63
N PRO B 56 -14.18 7.10 -4.53
CA PRO B 56 -15.66 7.11 -4.67
C PRO B 56 -16.40 6.78 -3.38
N GLU B 57 -15.97 5.77 -2.63
CA GLU B 57 -16.82 5.31 -1.52
C GLU B 57 -16.79 6.31 -0.36
N THR B 58 -15.63 6.88 -0.06
CA THR B 58 -15.47 7.74 1.10
C THR B 58 -15.38 9.22 0.75
N GLY B 59 -15.18 9.59 -0.51
CA GLY B 59 -14.96 10.97 -0.85
C GLY B 59 -13.58 11.50 -0.47
N TYR B 60 -12.71 10.68 0.10
CA TYR B 60 -11.43 11.16 0.58
C TYR B 60 -10.49 11.45 -0.58
N VAL B 61 -9.61 12.45 -0.35
CA VAL B 61 -8.59 12.81 -1.33
C VAL B 61 -7.73 11.60 -1.65
N LYS B 62 -7.61 11.32 -2.95
CA LYS B 62 -6.89 10.13 -3.40
C LYS B 62 -5.44 10.45 -3.77
N LYS B 63 -5.22 11.61 -4.39
CA LYS B 63 -3.93 11.94 -4.96
C LYS B 63 -3.79 13.46 -5.01
N LEU B 64 -2.60 13.94 -4.69
CA LEU B 64 -2.28 15.36 -4.79
C LEU B 64 -0.87 15.52 -5.34
N GLN B 65 -0.68 16.57 -6.12
CA GLN B 65 0.63 16.94 -6.62
C GLN B 65 1.24 17.98 -5.70
N ARG B 66 2.45 17.69 -5.21
CA ARG B 66 3.11 18.62 -4.32
C ARG B 66 3.77 19.76 -5.10
N ARG B 67 4.39 20.67 -4.35
CA ARG B 67 4.92 21.88 -4.96
C ARG B 67 6.12 21.56 -5.84
N ASP B 68 6.94 20.59 -5.46
CA ASP B 68 8.05 20.18 -6.32
C ASP B 68 7.61 19.23 -7.45
N ASN B 69 6.30 19.06 -7.68
CA ASN B 69 5.69 18.27 -8.74
C ASN B 69 5.83 16.75 -8.54
N THR B 70 6.24 16.30 -7.37
CA THR B 70 6.06 14.91 -7.00
C THR B 70 4.64 14.72 -6.46
N PHE B 71 4.23 13.46 -6.30
CA PHE B 71 2.84 13.15 -5.98
C PHE B 71 2.73 12.36 -4.68
N TYR B 72 1.72 12.72 -3.90
CA TYR B 72 1.31 11.96 -2.72
C TYR B 72 0.04 11.19 -3.04
N TYR B 73 0.01 9.93 -2.58
CA TYR B 73 -1.16 9.06 -2.70
C TYR B 73 -1.69 8.73 -1.31
N TYR B 74 -3.02 8.54 -1.21
CA TYR B 74 -3.67 8.38 0.07
C TYR B 74 -4.61 7.17 0.05
N ASN B 75 -4.71 6.53 1.21
CA ASN B 75 -5.49 5.29 1.32
C ASN B 75 -6.98 5.56 1.17
N LYS B 76 -7.67 4.58 0.62
CA LYS B 76 -9.13 4.66 0.55
C LYS B 76 -9.74 4.94 1.92
N GLN B 77 -9.15 4.39 2.98
CA GLN B 77 -9.72 4.50 4.31
C GLN B 77 -8.94 5.52 5.15
N ARG B 78 -9.47 5.80 6.33
CA ARG B 78 -8.94 6.87 7.18
C ARG B 78 -7.45 6.69 7.43
N GLU B 79 -6.71 7.79 7.28
CA GLU B 79 -5.28 7.81 7.61
C GLU B 79 -4.96 8.67 8.82
N CYS B 80 -5.82 9.62 9.16
CA CYS B 80 -5.49 10.55 10.22
C CYS B 80 -5.75 9.90 11.58
N ASP B 81 -4.64 9.63 12.29
CA ASP B 81 -4.65 9.12 13.65
C ASP B 81 -5.21 10.14 14.63
N ASP B 82 -5.99 9.66 15.60
CA ASP B 82 -6.44 10.53 16.70
C ASP B 82 -5.29 11.33 17.29
N LYS B 83 -4.11 10.71 17.37
CA LYS B 83 -2.94 11.38 17.94
C LYS B 83 -2.37 12.45 17.02
N GLU B 84 -2.73 12.42 15.74
CA GLU B 84 -2.34 13.42 14.78
C GLU B 84 -3.46 14.40 14.46
N VAL B 85 -4.70 14.13 14.90
CA VAL B 85 -5.82 15.06 14.69
C VAL B 85 -5.42 16.47 15.13
N HIS B 86 -4.94 16.60 16.37
CA HIS B 86 -4.69 17.93 16.95
C HIS B 86 -3.67 18.74 16.17
N LYS B 87 -2.91 18.13 15.28
CA LYS B 87 -1.96 18.81 14.42
C LYS B 87 -2.59 19.37 13.13
N VAL B 88 -3.87 19.08 12.87
CA VAL B 88 -4.53 19.58 11.67
C VAL B 88 -5.09 20.96 11.96
N LYS B 89 -4.77 21.91 11.10
CA LYS B 89 -5.23 23.29 11.23
C LYS B 89 -6.58 23.46 10.54
N ILE B 90 -7.50 24.15 11.22
CA ILE B 90 -8.78 24.55 10.62
C ILE B 90 -8.67 26.03 10.31
N TYR B 91 -8.80 26.36 9.04
CA TYR B 91 -8.75 27.74 8.56
C TYR B 91 -10.16 28.29 8.44
N ALA B 92 -10.34 29.55 8.85
CA ALA B 92 -11.59 30.26 8.69
C ALA B 92 -11.47 31.27 7.57
N TYR B 93 -12.57 31.48 6.85
CA TYR B 93 -12.65 32.41 5.71
C TYR B 93 -13.74 33.45 5.96
CL CL C . 1.16 -3.55 1.37
P PO4 D . -13.64 18.15 -6.55
O1 PO4 D . -13.74 19.16 -5.43
O2 PO4 D . -13.43 16.76 -5.97
O3 PO4 D . -14.93 18.22 -7.33
O4 PO4 D . -12.46 18.41 -7.46
#